data_2QP4
#
_entry.id   2QP4
#
_cell.length_a   109.412
_cell.length_b   133.020
_cell.length_c   76.303
_cell.angle_alpha   90.000
_cell.angle_beta   90.000
_cell.angle_gamma   90.000
#
_symmetry.space_group_name_H-M   'C 2 2 21'
#
loop_
_entity.id
_entity.type
_entity.pdbx_description
1 polymer 'Bile salt sulfotransferase'
2 non-polymer (3Beta,5alpha)-3-Hydroxyandrostan-17-one
#
_entity_poly.entity_id   1
_entity_poly.type   'polypeptide(L)'
_entity_poly.pdbx_seq_one_letter_code
;SDDFLWFEGIAFPTMGFRSETLRKVRDEFVIRDEDVIILTYPKSGTNWLAEILCLMHSKGDAKWIQSVPIWERSPWVESE
IGYTALSETESPRLFSSHLPIQLFPKSFFSSKAKVIYLMRNPRDVLVSGYFFWKNWKFIKKPKSWEEYFEWFCQGTVLYG
SWFDHIHGWMPMREEKNFLLLSYEELKQDTGRTIEKICQFLGKTLEPEELNLILKNSSFQSMKENKMSNYSLLSVDYVVD
KTQLLRKGVSGDWKNHFTVAQAEDFDKLFQEKMADLPRELFPWE
;
_entity_poly.pdbx_strand_id   A
#
# COMPACT_ATOMS: atom_id res chain seq x y z
N SER A 1 18.50 -19.41 4.84
CA SER A 1 17.31 -20.29 4.96
C SER A 1 16.11 -19.65 4.26
N ASP A 2 15.78 -20.19 3.08
CA ASP A 2 14.68 -19.71 2.26
C ASP A 2 14.85 -18.29 1.72
N ASP A 3 15.21 -17.37 2.61
CA ASP A 3 15.42 -15.96 2.24
C ASP A 3 14.11 -15.19 2.28
N PHE A 4 13.03 -15.88 2.59
CA PHE A 4 11.72 -15.26 2.65
C PHE A 4 10.92 -15.91 3.77
N LEU A 5 10.04 -15.13 4.37
CA LEU A 5 9.19 -15.63 5.45
C LEU A 5 7.94 -16.13 4.73
N TRP A 6 7.86 -17.43 4.50
CA TRP A 6 6.70 -17.97 3.80
C TRP A 6 5.59 -18.30 4.79
N PHE A 7 4.40 -17.81 4.46
CA PHE A 7 3.21 -17.97 5.29
C PHE A 7 2.01 -18.08 4.36
N GLU A 8 1.18 -19.08 4.60
CA GLU A 8 -0.02 -19.27 3.78
C GLU A 8 0.21 -19.14 2.28
N GLY A 9 1.36 -19.61 1.81
CA GLY A 9 1.65 -19.53 0.39
C GLY A 9 2.00 -18.12 -0.03
N ILE A 10 2.59 -17.35 0.86
CA ILE A 10 2.96 -15.98 0.52
C ILE A 10 4.25 -15.48 1.17
N ALA A 11 5.10 -14.90 0.34
CA ALA A 11 6.38 -14.37 0.77
C ALA A 11 6.29 -13.14 1.67
N PHE A 12 7.03 -13.16 2.77
CA PHE A 12 7.07 -12.03 3.70
C PHE A 12 8.49 -11.70 4.07
N PRO A 13 8.74 -10.46 4.49
CA PRO A 13 10.09 -10.06 4.87
C PRO A 13 10.45 -10.89 6.10
N THR A 14 11.73 -11.18 6.31
CA THR A 14 12.10 -11.96 7.48
C THR A 14 12.09 -11.02 8.67
N MET A 15 12.94 -10.00 8.62
CA MET A 15 13.00 -9.01 9.69
C MET A 15 11.67 -8.30 9.90
N GLY A 16 11.26 -8.22 11.17
CA GLY A 16 10.04 -7.52 11.52
C GLY A 16 8.70 -8.19 11.27
N PHE A 17 8.71 -9.47 10.95
CA PHE A 17 7.47 -10.19 10.72
C PHE A 17 7.47 -11.51 11.47
N ARG A 18 6.31 -12.16 11.54
CA ARG A 18 6.22 -13.41 12.27
C ARG A 18 4.94 -14.19 11.99
N SER A 19 5.11 -15.42 11.54
CA SER A 19 4.01 -16.33 11.21
C SER A 19 2.95 -16.38 12.30
N GLU A 20 3.36 -16.70 13.51
CA GLU A 20 2.41 -16.79 14.60
C GLU A 20 1.52 -15.55 14.54
N THR A 21 2.15 -14.40 14.29
CA THR A 21 1.45 -13.13 14.21
C THR A 21 0.56 -12.98 12.98
N LEU A 22 1.02 -13.45 11.83
CA LEU A 22 0.23 -13.34 10.61
C LEU A 22 -1.05 -14.13 10.80
N ARG A 23 -1.05 -14.98 11.82
CA ARG A 23 -2.19 -15.81 12.16
C ARG A 23 -2.93 -15.11 13.29
N LYS A 24 -2.16 -14.62 14.27
CA LYS A 24 -2.71 -13.89 15.40
C LYS A 24 -3.51 -12.74 14.79
N VAL A 25 -3.36 -12.59 13.48
CA VAL A 25 -4.03 -11.54 12.73
C VAL A 25 -5.30 -11.97 12.01
N ARG A 26 -5.36 -13.21 11.54
CA ARG A 26 -6.52 -13.66 10.80
C ARG A 26 -7.65 -14.27 11.65
N ASP A 27 -7.30 -15.23 12.49
CA ASP A 27 -8.32 -15.83 13.34
C ASP A 27 -8.26 -15.31 14.79
N GLU A 28 -7.67 -14.14 14.98
CA GLU A 28 -7.60 -13.58 16.32
C GLU A 28 -7.86 -12.08 16.37
N PHE A 29 -7.10 -11.31 15.59
CA PHE A 29 -7.23 -9.85 15.56
C PHE A 29 -8.66 -9.31 15.43
N VAL A 30 -8.94 -8.26 16.21
CA VAL A 30 -10.25 -7.63 16.25
C VAL A 30 -10.34 -6.24 15.60
N ILE A 31 -11.15 -6.18 14.55
CA ILE A 31 -11.39 -4.96 13.79
C ILE A 31 -12.65 -4.27 14.29
N ARG A 32 -12.56 -2.96 14.54
CA ARG A 32 -13.68 -2.16 15.02
C ARG A 32 -14.35 -1.46 13.83
N ASP A 33 -15.61 -1.08 13.98
CA ASP A 33 -16.33 -0.41 12.89
C ASP A 33 -15.87 1.02 12.76
N GLU A 34 -15.10 1.44 13.75
CA GLU A 34 -14.55 2.79 13.80
C GLU A 34 -13.04 2.71 13.53
N ASP A 35 -12.66 1.91 12.53
CA ASP A 35 -11.26 1.74 12.15
C ASP A 35 -11.03 2.11 10.68
N VAL A 36 -9.80 2.52 10.37
CA VAL A 36 -9.47 2.89 9.00
C VAL A 36 -8.16 2.22 8.54
N ILE A 37 -8.27 1.50 7.43
CA ILE A 37 -7.15 0.76 6.86
C ILE A 37 -6.97 1.13 5.40
N ILE A 38 -5.71 1.40 5.00
CA ILE A 38 -5.41 1.73 3.61
C ILE A 38 -4.93 0.43 2.99
N LEU A 39 -5.76 -0.14 2.13
CA LEU A 39 -5.41 -1.40 1.50
C LEU A 39 -4.62 -1.15 0.25
N THR A 40 -3.43 -1.76 0.20
CA THR A 40 -2.50 -1.56 -0.91
C THR A 40 -1.50 -2.69 -1.21
N TYR A 41 -1.35 -3.04 -2.49
CA TYR A 41 -0.34 -4.02 -2.88
C TYR A 41 0.89 -3.14 -2.69
N PRO A 42 1.95 -3.66 -2.05
CA PRO A 42 3.15 -2.87 -1.81
C PRO A 42 3.67 -2.08 -2.99
N LYS A 43 3.94 -0.80 -2.71
CA LYS A 43 4.44 0.15 -3.70
C LYS A 43 3.34 0.58 -4.68
N SER A 44 2.24 1.09 -4.13
CA SER A 44 1.10 1.55 -4.92
C SER A 44 0.64 2.95 -4.51
N GLY A 45 1.13 3.45 -3.38
CA GLY A 45 0.77 4.78 -2.93
C GLY A 45 0.53 4.95 -1.44
N THR A 46 0.44 3.84 -0.70
CA THR A 46 0.19 3.89 0.74
C THR A 46 0.66 5.15 1.42
N ASN A 47 1.96 5.38 1.43
CA ASN A 47 2.54 6.54 2.09
C ASN A 47 1.79 7.85 1.88
N TRP A 48 1.39 8.12 0.64
CA TRP A 48 0.68 9.35 0.30
C TRP A 48 -0.68 9.35 0.97
N LEU A 49 -1.51 8.42 0.54
CA LEU A 49 -2.84 8.24 1.10
C LEU A 49 -2.73 8.39 2.62
N ALA A 50 -1.74 7.72 3.19
CA ALA A 50 -1.47 7.74 4.63
C ALA A 50 -1.31 9.15 5.17
N GLU A 51 -0.55 9.96 4.42
CA GLU A 51 -0.27 11.35 4.79
C GLU A 51 -1.53 12.15 4.66
N ILE A 52 -2.17 12.02 3.50
CA ILE A 52 -3.42 12.72 3.26
C ILE A 52 -4.29 12.54 4.49
N LEU A 53 -4.84 11.33 4.68
CA LEU A 53 -5.68 11.05 5.83
C LEU A 53 -5.06 11.61 7.11
N CYS A 54 -3.77 11.35 7.32
CA CYS A 54 -3.12 11.85 8.52
C CYS A 54 -3.32 13.35 8.61
N LEU A 55 -3.31 14.02 7.46
CA LEU A 55 -3.54 15.46 7.39
C LEU A 55 -4.97 15.78 7.83
N MET A 56 -5.93 15.00 7.34
CA MET A 56 -7.32 15.15 7.75
C MET A 56 -7.37 15.36 9.27
N HIS A 57 -7.13 14.30 10.02
CA HIS A 57 -7.12 14.39 11.49
C HIS A 57 -6.38 15.61 12.04
N SER A 58 -5.26 15.98 11.44
CA SER A 58 -4.47 17.13 11.89
C SER A 58 -4.99 18.43 11.27
N LYS A 59 -5.93 18.27 10.33
CA LYS A 59 -6.56 19.38 9.63
C LYS A 59 -5.59 20.39 9.00
N GLY A 60 -4.58 19.87 8.31
CA GLY A 60 -3.59 20.72 7.66
C GLY A 60 -2.22 20.76 8.33
N ASP A 61 -2.20 21.01 9.64
CA ASP A 61 -0.94 21.08 10.38
C ASP A 61 -0.07 19.88 10.11
N ALA A 62 0.99 20.08 9.33
CA ALA A 62 1.89 19.00 8.99
C ALA A 62 2.95 18.77 10.05
N LYS A 63 2.83 19.49 11.18
CA LYS A 63 3.78 19.35 12.27
C LYS A 63 3.89 17.90 12.70
N TRP A 64 2.75 17.32 13.09
CA TRP A 64 2.71 15.93 13.52
C TRP A 64 3.31 15.02 12.45
N ILE A 65 2.65 15.01 11.29
CA ILE A 65 3.05 14.20 10.15
C ILE A 65 4.55 14.23 9.87
N GLN A 66 5.16 15.37 10.15
CA GLN A 66 6.59 15.55 9.92
C GLN A 66 7.50 14.88 10.96
N SER A 67 7.14 14.94 12.23
CA SER A 67 7.96 14.34 13.27
C SER A 67 7.56 12.94 13.69
N VAL A 68 6.99 12.17 12.77
CA VAL A 68 6.58 10.81 13.10
C VAL A 68 6.59 9.89 11.89
N PRO A 69 7.37 8.79 11.96
CA PRO A 69 7.46 7.82 10.87
C PRO A 69 6.09 7.23 10.56
N ILE A 70 5.77 7.09 9.27
CA ILE A 70 4.47 6.58 8.86
C ILE A 70 4.11 5.24 9.51
N TRP A 71 5.06 4.34 9.67
CA TRP A 71 4.72 3.06 10.28
C TRP A 71 4.10 3.33 11.65
N GLU A 72 4.38 4.50 12.20
CA GLU A 72 3.80 4.87 13.48
C GLU A 72 2.51 5.60 13.18
N ARG A 73 2.54 6.49 12.19
CA ARG A 73 1.35 7.23 11.81
C ARG A 73 0.25 6.25 11.42
N SER A 74 0.56 5.32 10.53
CA SER A 74 -0.41 4.32 10.12
C SER A 74 0.28 2.98 10.05
N PRO A 75 0.40 2.33 11.22
CA PRO A 75 1.03 1.01 11.38
C PRO A 75 0.53 -0.08 10.45
N TRP A 76 1.38 -1.08 10.27
CA TRP A 76 1.02 -2.22 9.45
C TRP A 76 0.63 -3.36 10.39
N VAL A 77 -0.67 -3.63 10.41
CA VAL A 77 -1.22 -4.67 11.25
C VAL A 77 -0.36 -5.92 11.13
N GLU A 78 -0.22 -6.43 9.91
CA GLU A 78 0.56 -7.63 9.65
C GLU A 78 1.93 -7.69 10.33
N SER A 79 2.58 -6.53 10.48
CA SER A 79 3.91 -6.44 11.10
C SER A 79 3.91 -6.53 12.63
N GLU A 80 5.05 -6.87 13.21
CA GLU A 80 5.17 -6.97 14.65
C GLU A 80 4.77 -5.66 15.30
N ILE A 81 5.62 -4.65 15.20
CA ILE A 81 5.32 -3.33 15.78
C ILE A 81 3.88 -2.98 15.44
N GLY A 82 3.51 -3.19 14.17
CA GLY A 82 2.17 -2.90 13.71
C GLY A 82 1.17 -3.49 14.66
N TYR A 83 1.17 -4.82 14.75
CA TYR A 83 0.26 -5.52 15.64
C TYR A 83 0.50 -5.01 17.06
N THR A 84 1.71 -5.23 17.57
CA THR A 84 2.06 -4.80 18.92
C THR A 84 1.43 -3.45 19.28
N ALA A 85 1.58 -2.47 18.40
CA ALA A 85 1.04 -1.14 18.67
C ALA A 85 -0.48 -1.12 18.52
N LEU A 86 -0.94 -1.33 17.29
CA LEU A 86 -2.35 -1.34 16.95
C LEU A 86 -3.25 -1.84 18.06
N SER A 87 -2.86 -2.94 18.70
CA SER A 87 -3.64 -3.55 19.79
C SER A 87 -3.65 -2.74 21.09
N GLU A 88 -2.49 -2.25 21.51
CA GLU A 88 -2.38 -1.44 22.72
C GLU A 88 -2.73 0.01 22.36
N THR A 89 -3.55 0.18 21.31
CA THR A 89 -3.95 1.50 20.84
C THR A 89 -5.44 1.81 21.03
N GLU A 90 -5.71 3.11 21.22
CA GLU A 90 -7.08 3.61 21.43
C GLU A 90 -7.76 3.87 20.09
N SER A 91 -9.09 3.92 20.12
CA SER A 91 -9.84 4.16 18.89
C SER A 91 -10.29 5.63 18.82
N PRO A 92 -10.59 6.12 17.61
CA PRO A 92 -10.54 5.36 16.36
C PRO A 92 -9.09 4.98 16.03
N ARG A 93 -8.92 4.18 14.98
CA ARG A 93 -7.59 3.77 14.60
C ARG A 93 -7.45 3.70 13.09
N LEU A 94 -6.22 3.89 12.64
CA LEU A 94 -5.88 3.87 11.24
C LEU A 94 -4.60 3.07 10.99
N PHE A 95 -4.61 2.21 9.98
CA PHE A 95 -3.43 1.44 9.68
C PHE A 95 -3.36 0.97 8.23
N SER A 96 -2.17 0.56 7.82
CA SER A 96 -1.97 0.12 6.47
C SER A 96 -1.96 -1.40 6.46
N SER A 97 -2.10 -1.98 5.28
CA SER A 97 -2.04 -3.42 5.11
C SER A 97 -1.94 -3.85 3.64
N HIS A 98 -0.95 -4.71 3.36
CA HIS A 98 -0.72 -5.20 2.01
C HIS A 98 -1.35 -6.57 1.83
N LEU A 99 -1.85 -7.12 2.94
CA LEU A 99 -2.47 -8.44 2.97
C LEU A 99 -3.48 -8.74 1.88
N PRO A 100 -3.38 -9.90 1.27
CA PRO A 100 -4.38 -10.18 0.23
C PRO A 100 -5.66 -10.56 0.97
N ILE A 101 -6.79 -10.38 0.32
CA ILE A 101 -8.07 -10.65 0.97
C ILE A 101 -8.03 -11.83 1.95
N GLN A 102 -7.76 -13.03 1.45
CA GLN A 102 -7.76 -14.23 2.29
C GLN A 102 -6.89 -14.26 3.54
N LEU A 103 -6.02 -13.27 3.70
CA LEU A 103 -5.18 -13.27 4.88
C LEU A 103 -5.59 -12.20 5.87
N PHE A 104 -6.58 -11.39 5.45
CA PHE A 104 -7.06 -10.29 6.29
C PHE A 104 -7.87 -10.83 7.45
N PRO A 105 -7.71 -10.25 8.66
CA PRO A 105 -8.46 -10.73 9.82
C PRO A 105 -9.94 -10.94 9.51
N LYS A 106 -10.44 -12.14 9.82
CA LYS A 106 -11.84 -12.50 9.57
C LYS A 106 -12.80 -11.50 10.20
N SER A 107 -12.38 -10.94 11.33
CA SER A 107 -13.20 -9.99 12.06
C SER A 107 -13.61 -8.73 11.28
N PHE A 108 -13.10 -8.57 10.05
CA PHE A 108 -13.46 -7.41 9.23
C PHE A 108 -14.73 -7.64 8.42
N PHE A 109 -14.94 -8.86 7.97
CA PHE A 109 -16.10 -9.18 7.14
C PHE A 109 -17.41 -9.17 7.96
N SER A 110 -17.25 -9.13 9.28
CA SER A 110 -18.38 -9.08 10.17
C SER A 110 -18.69 -7.60 10.35
N SER A 111 -17.67 -6.85 10.79
CA SER A 111 -17.81 -5.43 11.05
C SER A 111 -18.15 -4.58 9.83
N LYS A 112 -18.38 -3.29 10.09
CA LYS A 112 -18.73 -2.31 9.08
C LYS A 112 -17.55 -1.38 8.82
N ALA A 113 -16.46 -1.57 9.56
CA ALA A 113 -15.27 -0.72 9.40
C ALA A 113 -15.05 -0.27 7.96
N LYS A 114 -14.39 0.88 7.83
CA LYS A 114 -14.12 1.47 6.54
C LYS A 114 -12.68 1.19 6.10
N VAL A 115 -12.59 0.70 4.88
CA VAL A 115 -11.34 0.28 4.25
C VAL A 115 -11.17 1.01 2.90
N ILE A 116 -9.99 1.58 2.67
CA ILE A 116 -9.74 2.28 1.40
C ILE A 116 -8.73 1.41 0.65
N TYR A 117 -9.00 1.14 -0.62
CA TYR A 117 -8.10 0.31 -1.39
C TYR A 117 -7.59 1.05 -2.60
N LEU A 118 -6.43 1.67 -2.43
CA LEU A 118 -5.78 2.42 -3.49
C LEU A 118 -5.00 1.50 -4.41
N MET A 119 -5.50 1.35 -5.64
CA MET A 119 -4.85 0.50 -6.63
C MET A 119 -4.03 1.38 -7.58
N ARG A 120 -2.90 0.85 -8.04
CA ARG A 120 -1.98 1.58 -8.93
C ARG A 120 -1.59 0.76 -10.14
N ASN A 121 -1.26 1.44 -11.24
CA ASN A 121 -0.87 0.73 -12.45
C ASN A 121 0.22 -0.24 -12.07
N PRO A 122 0.01 -1.54 -12.35
CA PRO A 122 1.00 -2.57 -12.03
C PRO A 122 2.41 -2.36 -12.62
N ARG A 123 2.51 -1.96 -13.88
CA ARG A 123 3.81 -1.74 -14.48
C ARG A 123 4.65 -0.80 -13.65
N ASP A 124 4.05 0.27 -13.13
CA ASP A 124 4.83 1.19 -12.32
C ASP A 124 5.09 0.58 -10.96
N VAL A 125 4.22 -0.32 -10.54
CA VAL A 125 4.40 -0.98 -9.27
C VAL A 125 5.57 -1.96 -9.39
N LEU A 126 5.66 -2.60 -10.56
CA LEU A 126 6.72 -3.55 -10.83
C LEU A 126 8.08 -2.86 -10.68
N VAL A 127 8.23 -1.73 -11.34
CA VAL A 127 9.45 -0.94 -11.27
C VAL A 127 9.75 -0.48 -9.83
N SER A 128 8.99 0.47 -9.32
CA SER A 128 9.17 0.97 -7.97
C SER A 128 9.46 -0.19 -7.01
N GLY A 129 8.70 -1.28 -7.19
CA GLY A 129 8.88 -2.45 -6.36
C GLY A 129 10.31 -2.91 -6.45
N TYR A 130 10.71 -3.26 -7.68
CA TYR A 130 12.06 -3.69 -8.03
C TYR A 130 13.16 -2.97 -7.25
N PHE A 131 13.41 -1.73 -7.63
CA PHE A 131 14.43 -0.95 -6.97
C PHE A 131 14.33 -0.98 -5.47
N PHE A 132 13.12 -0.84 -4.95
CA PHE A 132 12.92 -0.83 -3.51
C PHE A 132 13.34 -2.11 -2.81
N TRP A 133 12.80 -3.21 -3.30
CA TRP A 133 13.02 -4.54 -2.75
C TRP A 133 14.44 -5.08 -2.96
N LYS A 134 15.11 -4.59 -3.99
CA LYS A 134 16.45 -5.03 -4.27
C LYS A 134 17.36 -4.39 -3.23
N ASN A 135 16.88 -3.31 -2.62
CA ASN A 135 17.65 -2.63 -1.59
C ASN A 135 17.11 -2.99 -0.19
N TRP A 136 16.36 -4.09 -0.11
CA TRP A 136 15.82 -4.52 1.17
C TRP A 136 16.67 -5.67 1.70
N LYS A 137 17.17 -5.50 2.92
CA LYS A 137 18.04 -6.48 3.56
C LYS A 137 17.41 -7.80 4.03
N PHE A 138 18.13 -8.89 3.76
CA PHE A 138 17.75 -10.23 4.18
C PHE A 138 16.63 -10.92 3.41
N ILE A 139 16.62 -10.76 2.08
CA ILE A 139 15.60 -11.41 1.29
C ILE A 139 16.19 -11.77 -0.06
N LYS A 140 15.65 -12.81 -0.69
CA LYS A 140 16.14 -13.22 -2.00
C LYS A 140 16.26 -11.95 -2.83
N LYS A 141 17.14 -11.93 -3.81
CA LYS A 141 17.25 -10.74 -4.65
C LYS A 141 17.31 -11.18 -6.09
N PRO A 142 16.81 -10.35 -7.00
CA PRO A 142 16.86 -10.78 -8.39
C PRO A 142 18.28 -10.54 -8.82
N LYS A 143 18.82 -11.42 -9.66
CA LYS A 143 20.18 -11.22 -10.12
C LYS A 143 20.09 -10.17 -11.22
N SER A 144 18.91 -9.99 -11.77
CA SER A 144 18.73 -9.04 -12.85
C SER A 144 17.30 -8.53 -12.95
N TRP A 145 17.15 -7.29 -13.42
CA TRP A 145 15.84 -6.70 -13.59
C TRP A 145 14.98 -7.57 -14.48
N GLU A 146 15.63 -8.38 -15.30
CA GLU A 146 14.90 -9.28 -16.19
C GLU A 146 14.32 -10.34 -15.28
N GLU A 147 15.08 -10.70 -14.24
CA GLU A 147 14.63 -11.71 -13.31
C GLU A 147 13.53 -11.21 -12.42
N TYR A 148 13.63 -9.97 -11.95
CA TYR A 148 12.57 -9.43 -11.11
C TYR A 148 11.29 -9.39 -11.92
N PHE A 149 11.41 -8.99 -13.19
CA PHE A 149 10.27 -8.91 -14.11
C PHE A 149 9.62 -10.28 -14.15
N GLU A 150 10.43 -11.33 -14.16
CA GLU A 150 9.95 -12.70 -14.20
C GLU A 150 9.17 -13.02 -12.93
N TRP A 151 9.79 -12.70 -11.79
CA TRP A 151 9.21 -12.93 -10.47
C TRP A 151 7.84 -12.29 -10.30
N PHE A 152 7.74 -11.04 -10.70
CA PHE A 152 6.51 -10.28 -10.60
C PHE A 152 5.40 -10.84 -11.49
N CYS A 153 5.72 -11.26 -12.71
CA CYS A 153 4.70 -11.82 -13.59
C CYS A 153 4.33 -13.22 -13.22
N GLN A 154 4.62 -13.63 -11.98
CA GLN A 154 4.29 -14.97 -11.55
C GLN A 154 3.86 -14.98 -10.11
N GLY A 155 3.98 -13.82 -9.49
CA GLY A 155 3.57 -13.67 -8.11
C GLY A 155 4.68 -14.00 -7.13
N THR A 156 5.63 -14.78 -7.61
CA THR A 156 6.75 -15.23 -6.81
C THR A 156 7.51 -14.07 -6.23
N VAL A 157 6.83 -13.21 -5.48
CA VAL A 157 7.46 -12.05 -4.86
C VAL A 157 6.77 -11.75 -3.53
N LEU A 158 7.28 -10.78 -2.79
CA LEU A 158 6.67 -10.45 -1.52
C LEU A 158 5.18 -10.13 -1.70
N TYR A 159 4.36 -10.65 -0.78
CA TYR A 159 2.91 -10.44 -0.77
C TYR A 159 2.16 -10.97 -1.99
N GLY A 160 2.78 -11.92 -2.66
CA GLY A 160 2.13 -12.55 -3.77
C GLY A 160 1.75 -11.74 -4.99
N SER A 161 1.12 -12.42 -5.92
CA SER A 161 0.71 -11.83 -7.16
C SER A 161 -0.11 -10.60 -7.07
N TRP A 162 0.35 -9.52 -7.72
CA TRP A 162 -0.38 -8.26 -7.74
C TRP A 162 -1.73 -8.55 -8.39
N PHE A 163 -1.71 -9.40 -9.41
CA PHE A 163 -2.93 -9.81 -10.10
C PHE A 163 -3.78 -10.37 -8.98
N ASP A 164 -3.37 -11.50 -8.44
CA ASP A 164 -4.07 -12.11 -7.33
C ASP A 164 -4.63 -11.02 -6.41
N HIS A 165 -3.72 -10.33 -5.73
CA HIS A 165 -4.07 -9.29 -4.78
C HIS A 165 -5.21 -8.37 -5.21
N ILE A 166 -5.29 -8.10 -6.50
CA ILE A 166 -6.36 -7.26 -7.03
C ILE A 166 -7.65 -8.07 -7.11
N HIS A 167 -7.59 -9.16 -7.90
CA HIS A 167 -8.71 -10.07 -8.10
C HIS A 167 -9.37 -10.40 -6.77
N GLY A 168 -8.59 -10.31 -5.71
CA GLY A 168 -9.07 -10.66 -4.39
C GLY A 168 -10.07 -9.71 -3.77
N TRP A 169 -9.86 -8.41 -3.91
CA TRP A 169 -10.77 -7.48 -3.28
C TRP A 169 -11.74 -6.79 -4.24
N MET A 170 -11.47 -6.90 -5.53
CA MET A 170 -12.33 -6.24 -6.50
C MET A 170 -13.80 -6.63 -6.37
N PRO A 171 -14.07 -7.93 -6.18
CA PRO A 171 -15.47 -8.37 -6.04
C PRO A 171 -16.17 -7.67 -4.88
N MET A 172 -15.36 -7.10 -3.97
CA MET A 172 -15.86 -6.38 -2.80
C MET A 172 -15.94 -4.86 -3.03
N ARG A 173 -15.71 -4.42 -4.27
CA ARG A 173 -15.75 -2.98 -4.55
C ARG A 173 -17.06 -2.28 -4.22
N GLU A 174 -18.18 -2.98 -4.35
CA GLU A 174 -19.50 -2.40 -4.11
C GLU A 174 -19.95 -2.15 -2.66
N GLU A 175 -19.36 -2.82 -1.69
CA GLU A 175 -19.76 -2.59 -0.29
C GLU A 175 -19.74 -1.10 0.08
N LYS A 176 -20.46 -0.75 1.13
CA LYS A 176 -20.53 0.63 1.56
C LYS A 176 -19.41 0.95 2.55
N ASN A 177 -18.51 0.00 2.77
CA ASN A 177 -17.38 0.24 3.68
C ASN A 177 -16.02 0.11 2.96
N PHE A 178 -16.10 0.00 1.64
CA PHE A 178 -14.93 -0.17 0.79
C PHE A 178 -14.86 0.88 -0.32
N LEU A 179 -13.87 1.76 -0.23
CA LEU A 179 -13.66 2.83 -1.22
C LEU A 179 -12.43 2.52 -2.05
N LEU A 180 -12.65 2.29 -3.35
CA LEU A 180 -11.58 1.97 -4.28
C LEU A 180 -11.02 3.18 -5.02
N LEU A 181 -9.77 3.52 -4.72
CA LEU A 181 -9.10 4.64 -5.37
C LEU A 181 -8.07 4.09 -6.36
N SER A 182 -7.28 4.99 -6.94
CA SER A 182 -6.26 4.58 -7.89
C SER A 182 -5.20 5.66 -7.97
N TYR A 183 -3.96 5.24 -8.21
CA TYR A 183 -2.85 6.17 -8.29
C TYR A 183 -3.17 7.34 -9.21
N GLU A 184 -3.45 7.01 -10.47
CA GLU A 184 -3.80 7.99 -11.50
C GLU A 184 -4.60 9.16 -10.96
N GLU A 185 -5.84 8.87 -10.54
CA GLU A 185 -6.72 9.89 -10.01
C GLU A 185 -6.20 10.55 -8.74
N LEU A 186 -5.27 9.91 -8.05
CA LEU A 186 -4.74 10.52 -6.84
C LEU A 186 -3.66 11.52 -7.22
N LYS A 187 -3.19 11.41 -8.47
CA LYS A 187 -2.14 12.30 -8.97
C LYS A 187 -2.72 13.21 -10.05
N GLN A 188 -3.26 12.61 -11.11
CA GLN A 188 -3.85 13.36 -12.21
C GLN A 188 -4.97 14.32 -11.75
N ASP A 189 -5.14 14.45 -10.44
CA ASP A 189 -6.17 15.34 -9.87
C ASP A 189 -6.42 15.05 -8.40
N THR A 190 -5.45 15.39 -7.57
CA THR A 190 -5.55 15.16 -6.14
C THR A 190 -6.79 15.75 -5.48
N GLY A 191 -7.51 16.61 -6.21
CA GLY A 191 -8.69 17.26 -5.66
C GLY A 191 -9.88 16.35 -5.39
N ARG A 192 -10.42 15.79 -6.48
CA ARG A 192 -11.55 14.85 -6.40
C ARG A 192 -11.21 13.97 -5.22
N THR A 193 -10.37 12.98 -5.50
CA THR A 193 -9.88 12.03 -4.51
C THR A 193 -10.13 12.49 -3.07
N ILE A 194 -9.39 13.49 -2.63
CA ILE A 194 -9.51 13.99 -1.26
C ILE A 194 -10.95 14.19 -0.83
N GLU A 195 -11.80 14.50 -1.79
CA GLU A 195 -13.25 14.72 -1.62
C GLU A 195 -13.90 13.37 -1.30
N LYS A 196 -13.73 12.43 -2.22
CA LYS A 196 -14.28 11.10 -2.07
C LYS A 196 -13.85 10.56 -0.72
N ILE A 197 -12.58 10.76 -0.38
CA ILE A 197 -12.08 10.27 0.90
C ILE A 197 -12.90 10.84 2.05
N CYS A 198 -12.68 12.12 2.36
CA CYS A 198 -13.41 12.78 3.44
C CYS A 198 -14.90 12.46 3.36
N GLN A 199 -15.41 12.38 2.14
CA GLN A 199 -16.82 12.05 1.88
C GLN A 199 -17.11 10.61 2.40
N PHE A 200 -16.60 9.62 1.66
CA PHE A 200 -16.73 8.20 2.02
C PHE A 200 -16.45 8.01 3.51
N LEU A 201 -15.38 8.63 4.00
CA LEU A 201 -15.02 8.50 5.40
C LEU A 201 -16.02 9.29 6.24
N GLY A 202 -16.85 10.07 5.58
CA GLY A 202 -17.85 10.85 6.29
C GLY A 202 -17.26 11.92 7.18
N LYS A 203 -16.65 12.92 6.55
CA LYS A 203 -16.06 14.01 7.29
C LYS A 203 -16.03 15.25 6.40
N THR A 204 -16.05 16.42 7.04
CA THR A 204 -16.03 17.72 6.37
C THR A 204 -15.02 18.58 7.12
N LEU A 205 -14.43 19.56 6.43
CA LEU A 205 -13.51 20.48 7.13
C LEU A 205 -13.72 21.90 6.61
N GLU A 206 -13.24 22.88 7.39
CA GLU A 206 -13.36 24.28 6.99
C GLU A 206 -12.79 24.46 5.59
N PRO A 207 -13.10 25.59 4.93
CA PRO A 207 -12.56 25.77 3.58
C PRO A 207 -11.05 26.05 3.71
N GLU A 208 -10.72 26.88 4.70
CA GLU A 208 -9.34 27.26 4.98
C GLU A 208 -8.55 26.10 5.54
N GLU A 209 -9.20 24.97 5.77
CA GLU A 209 -8.49 23.80 6.27
C GLU A 209 -8.26 22.89 5.09
N LEU A 210 -9.29 22.73 4.26
CA LEU A 210 -9.16 21.94 3.06
C LEU A 210 -8.09 22.62 2.23
N ASN A 211 -7.82 23.89 2.53
CA ASN A 211 -6.80 24.63 1.83
C ASN A 211 -5.46 24.10 2.30
N LEU A 212 -5.17 24.37 3.57
CA LEU A 212 -3.93 23.94 4.20
C LEU A 212 -3.60 22.50 3.85
N ILE A 213 -4.62 21.65 3.81
CA ILE A 213 -4.44 20.23 3.45
C ILE A 213 -3.86 20.12 2.03
N LEU A 214 -4.69 20.46 1.03
CA LEU A 214 -4.30 20.40 -0.38
C LEU A 214 -2.84 20.79 -0.59
N LYS A 215 -2.42 21.85 0.10
CA LYS A 215 -1.05 22.33 0.03
C LYS A 215 -0.08 21.19 0.31
N ASN A 216 -0.05 20.76 1.57
CA ASN A 216 0.85 19.71 2.00
C ASN A 216 0.44 18.33 1.51
N SER A 217 -0.29 18.24 0.41
CA SER A 217 -0.70 16.92 -0.05
C SER A 217 -0.63 16.69 -1.54
N SER A 218 0.19 17.47 -2.24
CA SER A 218 0.33 17.28 -3.67
C SER A 218 1.69 16.64 -3.86
N PHE A 219 1.81 15.84 -4.93
CA PHE A 219 3.04 15.14 -5.25
C PHE A 219 4.27 15.81 -4.61
N GLN A 220 4.74 16.92 -5.18
CA GLN A 220 5.91 17.63 -4.64
C GLN A 220 6.02 17.50 -3.14
N SER A 221 5.19 18.26 -2.44
CA SER A 221 5.15 18.26 -0.98
C SER A 221 5.34 16.84 -0.47
N MET A 222 4.75 15.88 -1.18
CA MET A 222 4.84 14.46 -0.85
C MET A 222 6.25 13.94 -1.15
N LYS A 223 6.56 13.81 -2.44
CA LYS A 223 7.88 13.35 -2.85
C LYS A 223 8.83 14.44 -2.40
N GLU A 224 9.04 14.53 -1.10
CA GLU A 224 9.88 15.55 -0.49
C GLU A 224 9.68 15.42 1.01
N ASN A 225 9.08 14.30 1.40
CA ASN A 225 8.78 14.04 2.81
C ASN A 225 9.84 13.15 3.43
N LYS A 226 10.43 13.62 4.54
CA LYS A 226 11.47 12.85 5.25
C LYS A 226 10.86 11.76 6.11
N MET A 227 9.54 11.59 6.02
CA MET A 227 8.83 10.57 6.79
C MET A 227 8.20 9.60 5.80
N SER A 228 7.54 10.16 4.79
CA SER A 228 6.88 9.37 3.76
C SER A 228 7.92 8.80 2.81
N ASN A 229 9.19 8.93 3.20
CA ASN A 229 10.29 8.39 2.41
C ASN A 229 11.12 7.48 3.32
N TYR A 230 10.56 7.19 4.50
CA TYR A 230 11.19 6.33 5.50
C TYR A 230 12.32 7.06 6.21
N SER A 231 13.30 7.52 5.44
CA SER A 231 14.43 8.25 5.99
C SER A 231 15.21 7.50 7.06
N LEU A 232 14.92 7.81 8.31
CA LEU A 232 15.60 7.19 9.45
C LEU A 232 15.11 5.80 9.79
N LEU A 233 15.28 4.89 8.83
CA LEU A 233 14.89 3.49 8.97
C LEU A 233 16.14 2.66 9.29
N SER A 234 16.06 1.82 10.32
CA SER A 234 17.21 1.01 10.71
C SER A 234 18.01 0.53 9.51
N VAL A 235 19.30 0.81 9.58
CA VAL A 235 20.24 0.42 8.54
C VAL A 235 20.21 -1.10 8.34
N ASP A 236 19.66 -1.81 9.32
CA ASP A 236 19.55 -3.25 9.23
C ASP A 236 18.47 -3.60 8.23
N TYR A 237 17.55 -2.67 8.01
CA TYR A 237 16.47 -2.92 7.07
C TYR A 237 16.90 -2.73 5.63
N VAL A 238 17.76 -1.76 5.38
CA VAL A 238 18.23 -1.49 4.02
C VAL A 238 19.69 -1.84 3.75
N VAL A 239 19.94 -2.30 2.52
CA VAL A 239 21.27 -2.67 2.11
C VAL A 239 22.15 -1.46 1.84
N ASP A 240 21.54 -0.35 1.45
CA ASP A 240 22.30 0.87 1.16
C ASP A 240 21.62 2.11 1.73
N LYS A 241 22.36 2.82 2.55
CA LYS A 241 21.90 4.04 3.19
C LYS A 241 21.32 5.06 2.21
N THR A 242 22.09 5.38 1.17
CA THR A 242 21.69 6.37 0.18
C THR A 242 20.56 6.02 -0.76
N GLN A 243 20.55 4.81 -1.31
CA GLN A 243 19.50 4.45 -2.25
C GLN A 243 18.16 5.06 -1.85
N LEU A 244 17.85 5.00 -0.55
CA LEU A 244 16.61 5.56 -0.01
C LEU A 244 15.46 5.35 -0.98
N SER A 250 14.38 5.59 -10.11
CA SER A 250 13.82 6.81 -10.68
C SER A 250 13.23 6.57 -12.08
N GLY A 251 12.21 7.36 -12.45
CA GLY A 251 11.60 7.23 -13.76
C GLY A 251 10.24 6.55 -13.88
N ASP A 252 9.61 6.73 -15.04
CA ASP A 252 8.30 6.11 -15.32
C ASP A 252 8.53 4.69 -15.85
N TRP A 253 7.52 3.85 -15.73
CA TRP A 253 7.71 2.49 -16.22
C TRP A 253 8.13 2.43 -17.68
N LYS A 254 7.85 3.47 -18.46
CA LYS A 254 8.25 3.44 -19.86
C LYS A 254 9.76 3.59 -20.02
N ASN A 255 10.40 4.17 -19.00
CA ASN A 255 11.85 4.33 -18.97
C ASN A 255 12.49 3.02 -18.53
N HIS A 256 11.67 2.06 -18.11
CA HIS A 256 12.20 0.81 -17.61
C HIS A 256 11.79 -0.43 -18.35
N PHE A 257 10.59 -0.43 -18.89
CA PHE A 257 10.15 -1.61 -19.62
C PHE A 257 10.80 -1.67 -21.00
N THR A 258 11.32 -2.83 -21.37
CA THR A 258 11.90 -2.95 -22.69
C THR A 258 10.67 -3.14 -23.55
N VAL A 259 10.80 -2.94 -24.86
CA VAL A 259 9.67 -3.09 -25.76
C VAL A 259 9.06 -4.48 -25.72
N ALA A 260 9.89 -5.51 -25.73
CA ALA A 260 9.37 -6.86 -25.68
C ALA A 260 8.69 -7.10 -24.33
N GLN A 261 9.35 -6.71 -23.23
CA GLN A 261 8.78 -6.89 -21.90
C GLN A 261 7.36 -6.35 -21.92
N ALA A 262 7.26 -5.03 -21.97
CA ALA A 262 5.97 -4.35 -22.00
C ALA A 262 5.00 -5.15 -22.86
N GLU A 263 5.48 -5.64 -24.00
CA GLU A 263 4.65 -6.43 -24.89
C GLU A 263 4.13 -7.66 -24.15
N ASP A 264 5.05 -8.52 -23.74
CA ASP A 264 4.70 -9.73 -23.01
C ASP A 264 3.75 -9.41 -21.87
N PHE A 265 4.07 -8.36 -21.12
CA PHE A 265 3.26 -7.94 -19.97
C PHE A 265 1.86 -7.52 -20.35
N ASP A 266 1.66 -7.20 -21.63
CA ASP A 266 0.33 -6.81 -22.09
C ASP A 266 -0.50 -8.05 -22.36
N LYS A 267 0.09 -9.07 -22.96
CA LYS A 267 -0.65 -10.30 -23.20
C LYS A 267 -1.01 -10.85 -21.80
N LEU A 268 -0.20 -10.47 -20.81
CA LEU A 268 -0.41 -10.97 -19.45
C LEU A 268 -1.59 -10.34 -18.75
N PHE A 269 -1.65 -9.02 -18.75
CA PHE A 269 -2.75 -8.32 -18.12
C PHE A 269 -4.05 -8.72 -18.80
N GLN A 270 -3.99 -8.79 -20.13
CA GLN A 270 -5.10 -9.19 -20.98
C GLN A 270 -5.72 -10.49 -20.45
N GLU A 271 -5.01 -11.60 -20.66
CA GLU A 271 -5.47 -12.92 -20.19
C GLU A 271 -5.91 -12.88 -18.73
N LYS A 272 -4.98 -12.53 -17.84
CA LYS A 272 -5.27 -12.47 -16.43
C LYS A 272 -6.43 -11.58 -15.99
N MET A 273 -6.43 -10.31 -16.38
CA MET A 273 -7.51 -9.44 -15.94
C MET A 273 -8.77 -9.48 -16.80
N ALA A 274 -8.71 -10.20 -17.93
CA ALA A 274 -9.83 -10.30 -18.86
C ALA A 274 -11.20 -10.58 -18.23
N ASP A 275 -11.23 -11.20 -17.06
CA ASP A 275 -12.52 -11.48 -16.42
C ASP A 275 -13.02 -10.34 -15.56
N LEU A 276 -12.48 -9.14 -15.77
CA LEU A 276 -12.91 -7.97 -15.01
C LEU A 276 -13.26 -6.77 -15.88
N PRO A 277 -13.95 -5.79 -15.30
CA PRO A 277 -14.34 -4.60 -16.06
C PRO A 277 -13.13 -3.79 -16.52
N ARG A 278 -13.03 -3.61 -17.83
CA ARG A 278 -11.95 -2.83 -18.41
C ARG A 278 -11.92 -1.47 -17.69
N GLU A 279 -13.10 -0.84 -17.61
CA GLU A 279 -13.27 0.46 -16.96
C GLU A 279 -12.57 0.53 -15.62
N LEU A 280 -12.22 -0.63 -15.07
CA LEU A 280 -11.58 -0.69 -13.76
C LEU A 280 -10.14 -0.17 -13.68
N PHE A 281 -9.52 0.07 -14.84
CA PHE A 281 -8.15 0.54 -14.83
C PHE A 281 -7.86 1.80 -15.63
N PRO A 282 -7.72 2.95 -14.93
CA PRO A 282 -7.44 4.19 -15.64
C PRO A 282 -6.39 3.98 -16.72
N TRP A 283 -5.15 3.74 -16.29
CA TRP A 283 -4.01 3.50 -17.18
C TRP A 283 -4.39 2.68 -18.41
N GLU A 284 -3.87 3.11 -19.56
CA GLU A 284 -4.15 2.48 -20.84
C GLU A 284 -4.35 0.96 -20.76
#